data_7XHK
#
_entry.id   7XHK
#
_cell.length_a   75.961
_cell.length_b   70.856
_cell.length_c   77.584
_cell.angle_alpha   90.000
_cell.angle_beta   95.360
_cell.angle_gamma   90.000
#
_symmetry.space_group_name_H-M   'I 1 2 1'
#
loop_
_entity.id
_entity.type
_entity.pdbx_description
1 polymer 'Ubiquitin carboxyl-terminal hydrolase 7'
2 non-polymer ~{N}-[[4-[6-[[1-[[2-chloranyl-4-(furan-2-yl)phenyl]methyl]-4-oxidanyl-piperidin-4-yl]methyl]-2-methyl-7-oxidanylidene-pyrazolo[4,3-d]pyrimidin-3-yl]phenyl]methyl]methanamide
3 water water
#
_entity_poly.entity_id   1
_entity_poly.type   'polypeptide(L)'
_entity_poly.pdbx_seq_one_letter_code
;SKKHTGYVGLKNQGATCYMNSLLQTLFFTNQLRKAVYMMPTEGDDSSKSVPLALQRVFYELQHSDKPVGTKKLTKSFGWE
TLDSFMQHDVQELCRVLLDNVENKMKGTCVEGTIPKLFRGKMVSYIQCKEVDYRSDRREDYYDIQLSIKGKKNIFESFVD
YVAVEQLDGDNKYDAGEHGLQEAEKGVKFLTLPPVLHLQLMRFHYDPQTDQNIKINDRFEFPEQLPLDEFLQKTDPKDPA
NYILHAVLVHSGDNHGGHYVVYLNPKGDGKWCKFDDDVVSRCTKEEAIEHNYGGHDDDLSVRHCTNAYMLVYIRESKLSE
VLQAVTDHDIPQQLVERLQEEKRIEAQK
;
_entity_poly.pdbx_strand_id   B
#
loop_
_chem_comp.id
_chem_comp.type
_chem_comp.name
_chem_comp.formula
DVU non-polymer ~{N}-[[4-[6-[[1-[[2-chloranyl-4-(furan-2-yl)phenyl]methyl]-4-oxidanyl-piperidin-4-yl]methyl]-2-methyl-7-oxidanylidene-pyrazolo[4,3-d]pyrimidin-3-yl]phenyl]methyl]methanamide 'C31 H31 Cl N6 O4'
#
# COMPACT_ATOMS: atom_id res chain seq x y z
N THR A 5 -7.14 -9.12 21.76
CA THR A 5 -7.44 -8.04 20.80
C THR A 5 -8.51 -8.49 19.80
N GLY A 6 -8.75 -9.80 19.77
CA GLY A 6 -9.56 -10.40 18.73
C GLY A 6 -8.87 -10.50 17.38
N TYR A 7 -7.57 -10.20 17.30
CA TYR A 7 -6.84 -10.31 16.05
C TYR A 7 -5.64 -11.22 16.26
N VAL A 8 -5.28 -11.93 15.18
CA VAL A 8 -4.22 -12.92 15.21
C VAL A 8 -3.06 -12.46 14.33
N GLY A 9 -1.86 -12.93 14.69
CA GLY A 9 -0.62 -12.50 14.06
C GLY A 9 -0.21 -13.42 12.93
N LEU A 10 0.97 -13.12 12.36
CA LEU A 10 1.55 -13.91 11.28
C LEU A 10 2.95 -14.36 11.66
N LYS A 11 3.34 -15.56 11.22
CA LYS A 11 4.59 -16.18 11.66
C LYS A 11 5.81 -15.52 11.03
N ASN A 12 6.93 -15.56 11.77
CA ASN A 12 8.25 -15.19 11.26
C ASN A 12 8.85 -16.41 10.61
N GLN A 13 8.90 -16.42 9.28
CA GLN A 13 9.41 -17.57 8.54
C GLN A 13 10.55 -17.19 7.60
N GLY A 14 11.36 -16.21 7.99
CA GLY A 14 12.48 -15.76 7.20
C GLY A 14 12.48 -14.25 7.07
N ALA A 15 13.43 -13.73 6.27
CA ALA A 15 13.54 -12.28 6.07
C ALA A 15 12.55 -11.83 5.00
N THR A 16 11.26 -11.91 5.35
CA THR A 16 10.22 -11.43 4.45
C THR A 16 9.92 -9.93 4.64
N CYS A 17 10.68 -9.24 5.49
CA CYS A 17 10.64 -7.79 5.67
C CYS A 17 9.20 -7.29 5.83
N TYR A 18 8.78 -6.32 4.99
CA TYR A 18 7.44 -5.72 4.98
C TYR A 18 6.31 -6.73 4.80
N MET A 19 6.58 -8.00 4.46
CA MET A 19 5.49 -8.83 3.92
C MET A 19 4.34 -8.97 4.92
N ASN A 20 4.63 -9.38 6.15
CA ASN A 20 3.53 -9.59 7.10
C ASN A 20 2.77 -8.31 7.35
N SER A 21 3.48 -7.19 7.43
CA SER A 21 2.84 -5.89 7.61
C SER A 21 1.84 -5.63 6.49
N LEU A 22 2.28 -5.80 5.24
CA LEU A 22 1.40 -5.59 4.09
C LEU A 22 0.24 -6.57 4.09
N LEU A 23 0.47 -7.81 4.53
CA LEU A 23 -0.63 -8.77 4.56
C LEU A 23 -1.71 -8.35 5.55
N GLN A 24 -1.31 -7.91 6.75
CA GLN A 24 -2.31 -7.43 7.70
C GLN A 24 -3.04 -6.21 7.14
N THR A 25 -2.31 -5.29 6.50
CA THR A 25 -2.94 -4.11 5.90
C THR A 25 -3.98 -4.51 4.86
N LEU A 26 -3.65 -5.46 3.98
CA LEU A 26 -4.59 -5.87 2.93
C LEU A 26 -5.77 -6.62 3.52
N PHE A 27 -5.52 -7.42 4.57
CA PHE A 27 -6.58 -8.19 5.19
C PHE A 27 -7.62 -7.29 5.84
N PHE A 28 -7.19 -6.16 6.41
CA PHE A 28 -8.11 -5.22 7.02
C PHE A 28 -8.67 -4.18 6.03
N THR A 29 -8.39 -4.35 4.73
CA THR A 29 -9.14 -3.69 3.67
C THR A 29 -10.33 -4.58 3.35
N ASN A 30 -11.36 -4.48 4.20
CA ASN A 30 -12.40 -5.50 4.26
C ASN A 30 -13.04 -5.74 2.89
N GLN A 31 -13.32 -4.66 2.14
CA GLN A 31 -13.93 -4.80 0.83
C GLN A 31 -13.06 -5.61 -0.12
N LEU A 32 -11.75 -5.37 -0.08
CA LEU A 32 -10.81 -6.21 -0.82
C LEU A 32 -10.87 -7.66 -0.35
N ARG A 33 -10.92 -7.88 0.96
CA ARG A 33 -10.94 -9.25 1.49
C ARG A 33 -12.14 -10.02 0.94
N LYS A 34 -13.34 -9.42 1.00
CA LYS A 34 -14.54 -10.07 0.49
C LYS A 34 -14.42 -10.37 -1.01
N ALA A 35 -13.89 -9.41 -1.78
CA ALA A 35 -13.72 -9.69 -3.20
C ALA A 35 -12.77 -10.88 -3.42
N VAL A 36 -11.66 -10.91 -2.67
CA VAL A 36 -10.74 -12.04 -2.77
C VAL A 36 -11.45 -13.36 -2.43
N TYR A 37 -12.37 -13.34 -1.46
CA TYR A 37 -13.11 -14.58 -1.14
C TYR A 37 -13.99 -15.03 -2.28
N MET A 38 -14.47 -14.09 -3.11
CA MET A 38 -15.35 -14.48 -4.21
C MET A 38 -14.64 -15.06 -5.43
N MET A 39 -13.31 -15.11 -5.45
CA MET A 39 -12.59 -15.43 -6.69
C MET A 39 -12.79 -16.90 -7.06
N PRO A 40 -13.09 -17.21 -8.32
CA PRO A 40 -13.36 -18.59 -8.71
C PRO A 40 -12.11 -19.44 -8.82
N THR A 41 -11.55 -19.86 -7.68
CA THR A 41 -10.31 -20.62 -7.64
C THR A 41 -10.52 -22.13 -7.44
N GLU A 42 -11.67 -22.67 -7.87
CA GLU A 42 -11.93 -24.10 -7.66
C GLU A 42 -10.98 -24.97 -8.49
N GLY A 43 -10.69 -24.55 -9.73
CA GLY A 43 -9.86 -25.34 -10.61
C GLY A 43 -8.37 -25.15 -10.40
N ASP A 44 -7.99 -24.12 -9.66
CA ASP A 44 -6.59 -23.76 -9.51
C ASP A 44 -5.76 -24.90 -8.93
N ASP A 45 -4.51 -25.00 -9.36
CA ASP A 45 -3.53 -25.85 -8.71
C ASP A 45 -2.90 -25.09 -7.56
N SER A 46 -2.85 -25.70 -6.37
CA SER A 46 -2.53 -24.93 -5.17
C SER A 46 -1.07 -24.51 -5.12
N SER A 47 -0.16 -25.35 -5.64
CA SER A 47 1.25 -25.02 -5.61
C SER A 47 1.56 -23.74 -6.39
N LYS A 48 0.80 -23.44 -7.43
CA LYS A 48 1.11 -22.35 -8.34
C LYS A 48 0.23 -21.12 -8.19
N SER A 49 -0.87 -21.22 -7.44
CA SER A 49 -1.91 -20.19 -7.45
C SER A 49 -1.68 -19.18 -6.33
N VAL A 50 -1.36 -17.95 -6.70
CA VAL A 50 -1.29 -16.81 -5.78
C VAL A 50 -2.70 -16.43 -5.29
N PRO A 51 -3.72 -16.33 -6.16
CA PRO A 51 -5.07 -16.01 -5.65
C PRO A 51 -5.57 -16.98 -4.59
N LEU A 52 -5.42 -18.28 -4.81
CA LEU A 52 -5.76 -19.26 -3.78
C LEU A 52 -4.92 -19.07 -2.52
N ALA A 53 -3.64 -18.71 -2.68
CA ALA A 53 -2.76 -18.55 -1.53
C ALA A 53 -3.16 -17.35 -0.67
N LEU A 54 -3.64 -16.29 -1.32
CA LEU A 54 -4.11 -15.13 -0.58
C LEU A 54 -5.46 -15.42 0.06
N GLN A 55 -6.34 -16.14 -0.66
CA GLN A 55 -7.56 -16.68 -0.06
C GLN A 55 -7.26 -17.45 1.23
N ARG A 56 -6.26 -18.33 1.18
CA ARG A 56 -5.90 -19.15 2.35
C ARG A 56 -5.40 -18.28 3.50
N VAL A 57 -4.41 -17.42 3.24
CA VAL A 57 -3.92 -16.55 4.31
C VAL A 57 -5.05 -15.75 4.94
N PHE A 58 -5.95 -15.17 4.12
CA PHE A 58 -7.03 -14.36 4.69
C PHE A 58 -7.99 -15.22 5.51
N TYR A 59 -8.38 -16.38 4.99
CA TYR A 59 -9.24 -17.28 5.77
C TYR A 59 -8.62 -17.61 7.13
N GLU A 60 -7.33 -17.95 7.14
CA GLU A 60 -6.68 -18.26 8.42
C GLU A 60 -6.64 -17.03 9.32
N LEU A 61 -6.26 -15.87 8.77
CA LEU A 61 -6.24 -14.67 9.59
C LEU A 61 -7.63 -14.38 10.16
N GLN A 62 -8.69 -14.83 9.50
CA GLN A 62 -10.04 -14.59 9.98
C GLN A 62 -10.53 -15.65 10.97
N HIS A 63 -10.00 -16.87 10.91
CA HIS A 63 -10.47 -17.91 11.81
C HIS A 63 -9.43 -18.44 12.78
N SER A 64 -8.14 -18.42 12.44
CA SER A 64 -7.15 -19.13 13.22
C SER A 64 -6.92 -18.46 14.56
N ASP A 65 -6.65 -19.28 15.57
CA ASP A 65 -6.28 -18.82 16.91
C ASP A 65 -4.78 -18.76 17.11
N LYS A 66 -3.99 -19.49 16.28
CA LYS A 66 -2.53 -19.53 16.29
C LYS A 66 -1.97 -18.65 15.17
N PRO A 67 -0.71 -18.23 15.26
CA PRO A 67 -0.13 -17.40 14.18
C PRO A 67 -0.19 -18.11 12.84
N VAL A 68 -0.44 -17.34 11.79
CA VAL A 68 -0.71 -17.87 10.46
C VAL A 68 0.61 -18.00 9.72
N GLY A 69 0.82 -19.16 9.05
CA GLY A 69 1.98 -19.31 8.20
C GLY A 69 1.75 -18.72 6.81
N THR A 70 2.86 -18.50 6.07
CA THR A 70 2.82 -17.84 4.77
C THR A 70 3.58 -18.58 3.68
N LYS A 71 4.03 -19.83 3.95
CA LYS A 71 4.98 -20.51 3.06
C LYS A 71 4.36 -20.79 1.69
N LYS A 72 3.13 -21.30 1.67
CA LYS A 72 2.45 -21.53 0.39
C LYS A 72 2.37 -20.26 -0.45
N LEU A 73 2.16 -19.12 0.20
CA LEU A 73 1.97 -17.86 -0.52
C LEU A 73 3.27 -17.42 -1.21
N THR A 74 4.37 -17.39 -0.44
CA THR A 74 5.66 -17.02 -1.02
C THR A 74 6.09 -18.00 -2.12
N LYS A 75 5.79 -19.29 -1.94
CA LYS A 75 6.04 -20.23 -3.03
C LYS A 75 5.23 -19.86 -4.26
N SER A 76 3.95 -19.49 -4.06
CA SER A 76 3.10 -19.27 -5.21
C SER A 76 3.61 -18.11 -6.07
N PHE A 77 4.06 -17.02 -5.45
CA PHE A 77 4.60 -15.97 -6.31
C PHE A 77 6.14 -15.97 -6.40
N GLY A 78 6.79 -17.00 -5.88
CA GLY A 78 8.17 -17.29 -6.26
C GLY A 78 9.26 -16.44 -5.66
N TRP A 79 9.00 -15.74 -4.57
CA TRP A 79 10.04 -15.05 -3.80
C TRP A 79 10.43 -15.98 -2.66
N GLU A 80 11.38 -16.88 -2.94
CA GLU A 80 11.71 -17.97 -2.03
C GLU A 80 13.16 -17.98 -1.56
N THR A 81 14.03 -17.12 -2.09
CA THR A 81 15.44 -17.16 -1.73
C THR A 81 15.72 -16.28 -0.52
N LEU A 82 16.89 -16.47 0.09
CA LEU A 82 17.20 -15.82 1.36
C LEU A 82 16.92 -14.33 1.32
N ASP A 83 17.28 -13.66 0.22
CA ASP A 83 17.19 -12.19 0.15
C ASP A 83 16.15 -11.70 -0.85
N SER A 84 15.17 -12.53 -1.21
CA SER A 84 14.18 -12.16 -2.23
C SER A 84 13.39 -10.91 -1.85
N PHE A 85 13.08 -10.72 -0.57
CA PHE A 85 12.33 -9.53 -0.17
C PHE A 85 13.22 -8.32 0.06
N MET A 86 14.49 -8.53 0.40
CA MET A 86 15.40 -7.41 0.59
C MET A 86 15.71 -6.71 -0.72
N GLN A 87 15.45 -7.38 -1.85
CA GLN A 87 15.71 -6.84 -3.16
C GLN A 87 14.48 -6.20 -3.79
N HIS A 88 13.39 -6.01 -3.05
CA HIS A 88 12.21 -5.37 -3.60
C HIS A 88 11.62 -4.40 -2.59
N ASP A 89 10.93 -3.40 -3.11
CA ASP A 89 10.19 -2.46 -2.29
C ASP A 89 8.82 -3.04 -1.93
N VAL A 90 8.21 -2.47 -0.89
CA VAL A 90 6.91 -2.94 -0.43
C VAL A 90 5.85 -2.75 -1.52
N GLN A 91 5.96 -1.69 -2.34
CA GLN A 91 4.94 -1.47 -3.37
C GLN A 91 5.09 -2.48 -4.51
N GLU A 92 6.30 -2.98 -4.77
CA GLU A 92 6.47 -4.04 -5.78
C GLU A 92 5.74 -5.31 -5.36
N LEU A 93 5.81 -5.66 -4.08
CA LEU A 93 5.10 -6.86 -3.62
C LEU A 93 3.60 -6.64 -3.70
N CYS A 94 3.14 -5.49 -3.21
CA CYS A 94 1.73 -5.15 -3.33
C CYS A 94 1.24 -5.28 -4.76
N ARG A 95 2.02 -4.75 -5.72
CA ARG A 95 1.69 -4.88 -7.13
C ARG A 95 1.58 -6.34 -7.57
N VAL A 96 2.60 -7.16 -7.24
CA VAL A 96 2.54 -8.59 -7.57
C VAL A 96 1.25 -9.22 -7.07
N LEU A 97 0.89 -8.93 -5.81
CA LEU A 97 -0.30 -9.50 -5.21
C LEU A 97 -1.59 -9.02 -5.87
N LEU A 98 -1.74 -7.69 -6.00
CA LEU A 98 -3.00 -7.14 -6.51
C LEU A 98 -3.18 -7.42 -8.00
N ASP A 99 -2.10 -7.43 -8.77
CA ASP A 99 -2.17 -7.85 -10.16
C ASP A 99 -2.65 -9.28 -10.27
N ASN A 100 -2.11 -10.19 -9.45
CA ASN A 100 -2.62 -11.55 -9.50
C ASN A 100 -4.13 -11.58 -9.21
N VAL A 101 -4.57 -10.92 -8.13
CA VAL A 101 -5.99 -11.09 -7.75
C VAL A 101 -6.91 -10.35 -8.69
N GLU A 102 -6.45 -9.30 -9.39
CA GLU A 102 -7.33 -8.64 -10.34
C GLU A 102 -7.37 -9.38 -11.67
N ASN A 103 -6.25 -9.97 -12.10
CA ASN A 103 -6.31 -10.85 -13.26
C ASN A 103 -7.23 -12.03 -13.01
N LYS A 104 -7.26 -12.54 -11.77
CA LYS A 104 -8.18 -13.62 -11.44
C LYS A 104 -9.63 -13.14 -11.44
N MET A 105 -9.88 -11.87 -11.15
CA MET A 105 -11.26 -11.37 -11.14
C MET A 105 -11.76 -10.95 -12.51
N LYS A 106 -10.93 -11.04 -13.56
CA LYS A 106 -11.43 -10.76 -14.90
C LYS A 106 -12.57 -11.70 -15.26
N GLY A 107 -13.62 -11.15 -15.84
CA GLY A 107 -14.77 -11.96 -16.22
C GLY A 107 -15.67 -12.40 -15.09
N THR A 108 -15.36 -12.04 -13.85
CA THR A 108 -16.18 -12.42 -12.71
C THR A 108 -17.08 -11.27 -12.26
N CYS A 109 -17.97 -11.57 -11.32
CA CYS A 109 -18.90 -10.61 -10.73
C CYS A 109 -18.21 -9.59 -9.84
N VAL A 110 -16.90 -9.69 -9.62
CA VAL A 110 -16.15 -8.74 -8.82
C VAL A 110 -15.02 -8.10 -9.60
N GLU A 111 -15.03 -8.23 -10.93
CA GLU A 111 -14.07 -7.57 -11.81
C GLU A 111 -14.07 -6.07 -11.57
N GLY A 112 -12.88 -5.48 -11.53
CA GLY A 112 -12.73 -4.08 -11.23
C GLY A 112 -12.62 -3.73 -9.76
N THR A 113 -12.63 -4.71 -8.85
CA THR A 113 -12.54 -4.38 -7.43
C THR A 113 -11.24 -3.64 -7.11
N ILE A 114 -10.13 -4.07 -7.73
CA ILE A 114 -8.81 -3.50 -7.48
C ILE A 114 -8.71 -2.10 -8.06
N PRO A 115 -9.02 -1.87 -9.34
CA PRO A 115 -9.06 -0.48 -9.83
C PRO A 115 -9.97 0.42 -9.00
N LYS A 116 -11.14 -0.09 -8.61
CA LYS A 116 -12.09 0.70 -7.84
C LYS A 116 -11.52 1.09 -6.47
N LEU A 117 -10.79 0.17 -5.83
CA LEU A 117 -10.29 0.48 -4.49
C LEU A 117 -9.01 1.29 -4.50
N PHE A 118 -8.05 0.97 -5.38
CA PHE A 118 -6.69 1.47 -5.25
C PHE A 118 -6.20 2.36 -6.40
N ARG A 119 -6.93 2.45 -7.51
CA ARG A 119 -6.43 3.21 -8.66
C ARG A 119 -6.96 4.63 -8.63
N GLY A 120 -6.05 5.59 -8.79
CA GLY A 120 -6.40 6.97 -9.05
C GLY A 120 -5.78 7.44 -10.36
N LYS A 121 -6.15 8.66 -10.74
CA LYS A 121 -5.71 9.24 -12.00
C LYS A 121 -4.99 10.55 -11.74
N MET A 122 -3.94 10.82 -12.52
CA MET A 122 -3.26 12.10 -12.52
C MET A 122 -2.98 12.52 -13.96
N VAL A 123 -2.58 13.78 -14.10
CA VAL A 123 -2.20 14.33 -15.40
C VAL A 123 -0.74 14.75 -15.32
N SER A 124 0.01 14.39 -16.35
CA SER A 124 1.40 14.80 -16.52
C SER A 124 1.46 15.76 -17.71
N TYR A 125 1.91 16.99 -17.46
CA TYR A 125 1.88 18.04 -18.48
C TYR A 125 3.26 18.63 -18.69
N ILE A 126 3.47 19.08 -19.92
CA ILE A 126 4.64 19.85 -20.34
C ILE A 126 4.11 21.09 -21.05
N GLN A 127 4.30 22.27 -20.45
CA GLN A 127 3.85 23.54 -21.02
C GLN A 127 5.06 24.33 -21.51
N CYS A 128 5.11 24.59 -22.83
CA CYS A 128 6.23 25.31 -23.41
C CYS A 128 6.20 26.76 -22.96
N LYS A 129 7.37 27.31 -22.63
CA LYS A 129 7.43 28.67 -22.12
C LYS A 129 7.43 29.71 -23.24
N GLU A 130 8.05 29.41 -24.39
CA GLU A 130 8.27 30.42 -25.41
C GLU A 130 7.41 30.25 -26.65
N VAL A 131 6.74 29.11 -26.81
CA VAL A 131 5.77 28.92 -27.89
C VAL A 131 4.49 28.36 -27.29
N ASP A 132 3.48 28.17 -28.13
CA ASP A 132 2.17 27.70 -27.69
C ASP A 132 2.09 26.20 -27.93
N TYR A 133 2.46 25.42 -26.91
CA TYR A 133 2.35 23.97 -26.99
C TYR A 133 2.27 23.42 -25.58
N ARG A 134 1.21 22.68 -25.29
CA ARG A 134 1.03 22.03 -24.00
C ARG A 134 0.66 20.57 -24.26
N SER A 135 1.47 19.67 -23.73
CA SER A 135 1.25 18.23 -23.88
C SER A 135 0.76 17.67 -22.57
N ASP A 136 -0.43 17.07 -22.59
CA ASP A 136 -1.06 16.47 -21.42
C ASP A 136 -1.16 14.97 -21.63
N ARG A 137 -0.96 14.20 -20.56
CA ARG A 137 -1.22 12.77 -20.64
C ARG A 137 -1.73 12.27 -19.31
N ARG A 138 -2.75 11.43 -19.36
CA ARG A 138 -3.31 10.82 -18.15
C ARG A 138 -2.54 9.56 -17.78
N GLU A 139 -2.13 9.48 -16.52
CA GLU A 139 -1.57 8.26 -15.98
C GLU A 139 -2.43 7.76 -14.83
N ASP A 140 -2.59 6.45 -14.74
CA ASP A 140 -3.14 5.84 -13.54
C ASP A 140 -2.02 5.53 -12.56
N TYR A 141 -2.36 5.46 -11.28
CA TYR A 141 -1.45 5.05 -10.23
C TYR A 141 -2.20 4.25 -9.18
N TYR A 142 -1.48 3.34 -8.53
CA TYR A 142 -2.00 2.59 -7.40
C TYR A 142 -1.35 2.98 -6.09
N ASP A 143 -0.22 3.69 -6.15
CA ASP A 143 0.53 4.10 -4.98
C ASP A 143 1.29 5.39 -5.31
N ILE A 144 1.71 6.09 -4.25
CA ILE A 144 2.44 7.35 -4.35
C ILE A 144 3.71 7.25 -3.52
N GLN A 145 4.86 7.48 -4.15
CA GLN A 145 6.14 7.56 -3.43
C GLN A 145 6.40 9.02 -3.08
N LEU A 146 6.49 9.32 -1.79
CA LEU A 146 6.61 10.69 -1.30
C LEU A 146 8.02 10.94 -0.80
N SER A 147 8.67 11.99 -1.32
CA SER A 147 9.99 12.37 -0.85
C SER A 147 9.88 13.03 0.53
N ILE A 148 10.76 12.62 1.46
CA ILE A 148 10.73 13.20 2.78
C ILE A 148 11.97 14.00 3.14
N LYS A 149 13.12 13.75 2.50
CA LYS A 149 14.35 14.43 2.87
C LYS A 149 14.19 15.94 2.75
N GLY A 150 14.33 16.65 3.87
CA GLY A 150 14.16 18.09 3.86
C GLY A 150 12.73 18.58 3.90
N LYS A 151 11.76 17.70 4.07
CA LYS A 151 10.34 18.05 4.19
C LYS A 151 9.83 17.71 5.58
N LYS A 152 9.05 18.62 6.18
CA LYS A 152 8.67 18.44 7.58
C LYS A 152 7.47 17.50 7.75
N ASN A 153 6.55 17.46 6.80
CA ASN A 153 5.33 16.68 6.97
C ASN A 153 4.82 16.22 5.60
N ILE A 154 3.74 15.42 5.63
CA ILE A 154 3.06 14.99 4.40
C ILE A 154 2.71 16.19 3.52
N PHE A 155 2.28 17.30 4.13
CA PHE A 155 1.80 18.41 3.32
C PHE A 155 2.89 18.94 2.40
N GLU A 156 4.06 19.24 2.97
CA GLU A 156 5.20 19.67 2.16
C GLU A 156 5.62 18.58 1.16
N SER A 157 5.36 17.30 1.48
CA SER A 157 5.66 16.25 0.49
C SER A 157 4.73 16.38 -0.70
N PHE A 158 3.45 16.64 -0.45
CA PHE A 158 2.54 16.78 -1.56
C PHE A 158 2.83 18.04 -2.35
N VAL A 159 3.24 19.11 -1.67
CA VAL A 159 3.65 20.33 -2.38
C VAL A 159 4.84 20.05 -3.28
N ASP A 160 5.88 19.41 -2.74
CA ASP A 160 7.05 19.06 -3.55
C ASP A 160 6.67 18.14 -4.70
N TYR A 161 5.69 17.24 -4.51
CA TYR A 161 5.34 16.29 -5.55
C TYR A 161 4.62 16.95 -6.73
N VAL A 162 3.87 18.03 -6.49
CA VAL A 162 3.15 18.69 -7.57
C VAL A 162 3.89 19.92 -8.08
N ALA A 163 5.08 20.21 -7.55
CA ALA A 163 5.78 21.43 -7.91
C ALA A 163 6.28 21.35 -9.36
N VAL A 164 6.41 22.54 -9.96
CA VAL A 164 6.84 22.68 -11.34
C VAL A 164 8.34 22.43 -11.43
N GLU A 165 8.74 21.65 -12.44
CA GLU A 165 10.13 21.45 -12.82
C GLU A 165 10.43 22.22 -14.11
N GLN A 166 11.66 22.70 -14.25
CA GLN A 166 12.03 23.51 -15.41
C GLN A 166 12.87 22.69 -16.39
N LEU A 167 12.50 22.75 -17.67
CA LEU A 167 13.26 22.12 -18.75
C LEU A 167 13.86 23.20 -19.63
N ASP A 168 15.18 23.34 -19.59
CA ASP A 168 15.89 24.27 -20.47
C ASP A 168 17.37 23.91 -20.47
N GLY A 169 18.18 24.76 -21.10
CA GLY A 169 19.59 24.46 -21.24
C GLY A 169 19.82 23.24 -22.10
N ASP A 170 20.73 22.38 -21.66
CA ASP A 170 20.99 21.11 -22.34
C ASP A 170 19.96 20.04 -22.02
N ASN A 171 18.84 20.41 -21.37
CA ASN A 171 17.77 19.48 -21.04
C ASN A 171 16.42 20.00 -21.49
N LYS A 172 16.39 20.76 -22.59
CA LYS A 172 15.17 21.39 -23.07
C LYS A 172 14.28 20.36 -23.77
N TYR A 173 12.98 20.67 -23.83
CA TYR A 173 11.99 19.72 -24.30
C TYR A 173 11.90 19.71 -25.82
N ASP A 174 11.75 18.52 -26.39
CA ASP A 174 11.64 18.36 -27.85
C ASP A 174 10.17 18.52 -28.23
N ALA A 175 9.79 19.74 -28.60
CA ALA A 175 8.40 20.01 -28.96
C ALA A 175 8.12 19.73 -30.43
N GLY A 176 8.88 18.84 -31.06
CA GLY A 176 8.53 18.32 -32.37
C GLY A 176 8.63 19.34 -33.48
N GLU A 177 7.48 19.77 -33.99
CA GLU A 177 7.45 20.79 -35.02
C GLU A 177 8.12 22.09 -34.56
N HIS A 178 8.15 22.32 -33.25
CA HIS A 178 8.76 23.51 -32.67
C HIS A 178 10.22 23.30 -32.29
N GLY A 179 10.79 22.14 -32.56
CA GLY A 179 12.19 21.96 -32.22
C GLY A 179 12.36 21.95 -30.71
N LEU A 180 13.60 22.14 -30.28
CA LEU A 180 13.88 22.20 -28.84
C LEU A 180 13.29 23.48 -28.26
N GLN A 181 12.62 23.35 -27.11
CA GLN A 181 11.96 24.47 -26.47
C GLN A 181 12.18 24.42 -24.97
N GLU A 182 12.21 25.60 -24.34
CA GLU A 182 12.12 25.67 -22.88
C GLU A 182 10.68 25.43 -22.44
N ALA A 183 10.52 24.77 -21.29
CA ALA A 183 9.19 24.36 -20.86
C ALA A 183 9.18 24.15 -19.36
N GLU A 184 7.97 23.97 -18.82
CA GLU A 184 7.77 23.45 -17.47
C GLU A 184 7.11 22.08 -17.54
N LYS A 185 7.46 21.25 -16.57
CA LYS A 185 6.96 19.90 -16.41
C LYS A 185 6.29 19.79 -15.05
N GLY A 186 5.23 18.99 -14.98
CA GLY A 186 4.58 18.79 -13.69
C GLY A 186 3.48 17.76 -13.77
N VAL A 187 2.96 17.38 -12.59
CA VAL A 187 1.80 16.51 -12.49
C VAL A 187 0.77 17.16 -11.58
N LYS A 188 -0.50 16.97 -11.90
CA LYS A 188 -1.61 17.28 -11.03
C LYS A 188 -2.38 16.00 -10.74
N PHE A 189 -3.07 15.98 -9.59
CA PHE A 189 -3.96 14.88 -9.27
C PHE A 189 -5.37 15.17 -9.80
N LEU A 190 -5.90 14.25 -10.61
CA LEU A 190 -7.26 14.31 -11.10
C LEU A 190 -8.22 13.53 -10.22
N THR A 191 -7.82 12.35 -9.74
CA THR A 191 -8.62 11.55 -8.83
C THR A 191 -7.70 10.94 -7.77
N LEU A 192 -8.22 10.85 -6.54
CA LEU A 192 -7.58 10.14 -5.45
C LEU A 192 -8.44 8.92 -5.11
N PRO A 193 -7.86 7.73 -5.00
CA PRO A 193 -8.65 6.51 -4.75
C PRO A 193 -9.22 6.47 -3.34
N PRO A 194 -10.23 5.64 -3.11
CA PRO A 194 -10.74 5.46 -1.73
C PRO A 194 -9.71 4.91 -0.74
N VAL A 195 -8.75 4.10 -1.18
CA VAL A 195 -7.66 3.62 -0.33
C VAL A 195 -6.35 4.13 -0.92
N LEU A 196 -5.58 4.86 -0.12
CA LEU A 196 -4.43 5.64 -0.56
C LEU A 196 -3.18 5.05 0.08
N HIS A 197 -2.31 4.46 -0.76
CA HIS A 197 -1.06 3.82 -0.36
C HIS A 197 0.10 4.78 -0.59
N LEU A 198 0.72 5.27 0.49
CA LEU A 198 1.80 6.24 0.43
C LEU A 198 3.09 5.61 0.95
N GLN A 199 4.06 5.34 0.08
CA GLN A 199 5.39 4.97 0.55
C GLN A 199 6.20 6.24 0.82
N LEU A 200 6.99 6.23 1.88
CA LEU A 200 7.90 7.31 2.16
C LEU A 200 9.30 6.91 1.72
N MET A 201 10.04 7.86 1.14
CA MET A 201 11.33 7.56 0.52
C MET A 201 12.44 7.63 1.57
N ARG A 202 12.56 6.55 2.35
CA ARG A 202 13.54 6.47 3.42
C ARG A 202 14.77 5.63 3.09
N PHE A 203 14.82 5.00 1.92
CA PHE A 203 15.88 4.05 1.56
C PHE A 203 16.62 4.58 0.33
N HIS A 204 17.82 5.17 0.50
CA HIS A 204 18.45 6.01 -0.52
C HIS A 204 19.90 5.59 -0.82
N TYR A 205 20.51 6.29 -1.78
CA TYR A 205 21.87 6.04 -2.25
C TYR A 205 22.82 7.17 -1.84
N ASP A 206 23.95 6.82 -1.20
CA ASP A 206 24.88 7.78 -0.59
C ASP A 206 26.19 7.84 -1.38
N PRO A 207 26.74 9.05 -1.61
CA PRO A 207 28.13 9.24 -2.07
C PRO A 207 29.15 9.14 -0.93
N ASP A 210 29.71 4.59 -1.48
CA ASP A 210 28.74 4.26 -2.53
C ASP A 210 27.87 3.07 -2.12
N GLN A 211 26.92 3.30 -1.22
CA GLN A 211 26.04 2.24 -0.69
C GLN A 211 24.63 2.80 -0.50
N ASN A 212 23.77 2.02 0.16
CA ASN A 212 22.40 2.41 0.48
C ASN A 212 22.29 2.73 1.96
N ILE A 213 21.56 3.79 2.27
CA ILE A 213 21.45 4.31 3.62
C ILE A 213 19.99 4.57 3.95
N LYS A 214 19.68 4.49 5.23
CA LYS A 214 18.34 4.78 5.72
C LYS A 214 18.26 6.23 6.14
N ILE A 215 17.16 6.87 5.80
CA ILE A 215 16.93 8.25 6.19
C ILE A 215 16.02 8.21 7.41
N ASN A 216 16.57 8.57 8.57
CA ASN A 216 15.87 8.50 9.84
C ASN A 216 15.34 9.85 10.28
N ASP A 217 15.30 10.83 9.38
CA ASP A 217 14.84 12.17 9.72
C ASP A 217 13.38 12.15 10.20
N ARG A 218 13.07 13.10 11.06
CA ARG A 218 11.70 13.32 11.50
C ARG A 218 10.81 13.71 10.32
N PHE A 219 9.62 13.11 10.25
CA PHE A 219 8.68 13.39 9.17
C PHE A 219 7.27 13.19 9.72
N GLU A 220 6.55 14.29 9.94
CA GLU A 220 5.24 14.22 10.58
C GLU A 220 4.14 13.87 9.59
N PHE A 221 3.26 12.97 9.99
CA PHE A 221 2.05 12.67 9.24
C PHE A 221 0.85 12.77 10.17
N PRO A 222 -0.27 13.32 9.70
CA PRO A 222 -1.43 13.51 10.56
C PRO A 222 -2.42 12.34 10.57
N GLU A 223 -3.23 12.32 11.64
CA GLU A 223 -4.37 11.41 11.74
C GLU A 223 -5.39 11.68 10.63
N GLN A 224 -5.78 12.94 10.46
CA GLN A 224 -6.67 13.37 9.39
C GLN A 224 -5.88 14.18 8.36
N LEU A 225 -6.01 13.82 7.08
CA LEU A 225 -5.23 14.41 5.99
C LEU A 225 -6.13 15.06 4.93
N PRO A 226 -6.18 16.42 4.83
CA PRO A 226 -6.96 17.07 3.74
C PRO A 226 -6.15 17.22 2.47
N LEU A 227 -6.67 16.69 1.35
CA LEU A 227 -5.94 16.68 0.09
C LEU A 227 -6.63 17.46 -1.03
N ASP A 228 -7.68 18.23 -0.72
CA ASP A 228 -8.40 18.95 -1.76
C ASP A 228 -7.49 19.80 -2.63
N GLU A 229 -6.51 20.47 -2.02
CA GLU A 229 -5.76 21.50 -2.72
C GLU A 229 -4.68 20.96 -3.66
N PHE A 230 -4.51 19.63 -3.74
CA PHE A 230 -3.63 19.04 -4.74
C PHE A 230 -4.40 18.41 -5.89
N LEU A 231 -5.70 18.65 -5.94
CA LEU A 231 -6.51 18.23 -7.08
C LEU A 231 -6.62 19.35 -8.09
N GLN A 232 -6.69 18.96 -9.37
CA GLN A 232 -6.89 19.95 -10.44
C GLN A 232 -8.21 20.67 -10.30
N LYS A 233 -9.28 19.94 -9.99
CA LYS A 233 -10.61 20.48 -9.76
C LYS A 233 -11.28 19.66 -8.67
N THR A 234 -11.83 20.34 -7.67
CA THR A 234 -12.39 19.67 -6.50
C THR A 234 -13.87 19.36 -6.68
N ASP A 235 -14.47 18.80 -5.63
CA ASP A 235 -15.90 18.56 -5.54
C ASP A 235 -16.42 19.00 -4.17
N PRO A 236 -17.37 19.94 -4.11
CA PRO A 236 -17.92 20.32 -2.80
C PRO A 236 -18.66 19.19 -2.11
N LYS A 237 -19.23 18.26 -2.87
CA LYS A 237 -19.99 17.16 -2.28
C LYS A 237 -19.09 16.06 -1.71
N ASP A 238 -17.83 15.98 -2.14
CA ASP A 238 -16.91 14.94 -1.67
C ASP A 238 -15.52 15.56 -1.55
N PRO A 239 -15.26 16.27 -0.47
CA PRO A 239 -13.91 16.81 -0.26
C PRO A 239 -12.93 15.68 -0.01
N ALA A 240 -11.67 15.93 -0.37
CA ALA A 240 -10.64 14.89 -0.35
C ALA A 240 -9.99 14.78 1.03
N ASN A 241 -10.80 14.43 2.03
CA ASN A 241 -10.34 14.25 3.40
C ASN A 241 -10.16 12.76 3.69
N TYR A 242 -8.98 12.39 4.19
CA TYR A 242 -8.61 11.01 4.44
C TYR A 242 -8.34 10.77 5.92
N ILE A 243 -8.61 9.53 6.36
CA ILE A 243 -8.41 9.08 7.74
C ILE A 243 -7.30 8.04 7.75
N LEU A 244 -6.39 8.15 8.72
CA LEU A 244 -5.20 7.29 8.77
C LEU A 244 -5.57 5.88 9.25
N HIS A 245 -5.22 4.89 8.44
CA HIS A 245 -5.62 3.51 8.70
C HIS A 245 -4.45 2.60 9.05
N ALA A 246 -3.28 2.80 8.46
CA ALA A 246 -2.17 1.91 8.78
C ALA A 246 -0.85 2.66 8.75
N VAL A 247 0.06 2.26 9.64
CA VAL A 247 1.41 2.81 9.72
C VAL A 247 2.36 1.63 9.68
N LEU A 248 3.06 1.43 8.57
CA LEU A 248 4.07 0.38 8.50
C LEU A 248 5.41 0.96 8.94
N VAL A 249 6.02 0.33 9.94
CA VAL A 249 7.17 0.86 10.66
C VAL A 249 8.35 -0.08 10.54
N HIS A 250 9.53 0.52 10.40
CA HIS A 250 10.79 -0.17 10.46
C HIS A 250 11.62 0.48 11.56
N SER A 251 12.29 -0.34 12.37
CA SER A 251 13.19 0.17 13.39
C SER A 251 14.58 -0.39 13.16
N GLY A 252 15.58 0.48 13.26
CA GLY A 252 16.95 0.14 12.92
C GLY A 252 17.44 0.99 11.75
N ASP A 253 18.76 0.94 11.58
CA ASP A 253 19.41 1.70 10.51
C ASP A 253 19.93 0.81 9.40
N ASN A 254 19.70 -0.50 9.47
CA ASN A 254 20.22 -1.46 8.50
C ASN A 254 19.23 -2.61 8.37
N HIS A 255 19.62 -3.64 7.60
CA HIS A 255 18.74 -4.79 7.38
C HIS A 255 18.55 -5.65 8.62
N GLY A 256 19.38 -5.47 9.65
CA GLY A 256 19.13 -6.14 10.91
C GLY A 256 17.99 -5.50 11.69
N GLY A 257 17.20 -4.64 11.04
CA GLY A 257 16.09 -3.97 11.68
C GLY A 257 14.84 -4.82 11.70
N HIS A 258 13.80 -4.28 12.34
CA HIS A 258 12.59 -5.03 12.63
C HIS A 258 11.37 -4.31 12.06
N TYR A 259 10.50 -5.07 11.40
CA TYR A 259 9.31 -4.54 10.75
C TYR A 259 8.06 -4.83 11.59
N VAL A 260 7.27 -3.79 11.87
CA VAL A 260 5.97 -3.95 12.52
C VAL A 260 4.95 -3.06 11.82
N VAL A 261 3.68 -3.25 12.15
CA VAL A 261 2.63 -2.41 11.54
C VAL A 261 1.60 -2.06 12.60
N TYR A 262 1.21 -0.79 12.66
CA TYR A 262 0.14 -0.33 13.54
C TYR A 262 -1.11 -0.09 12.70
N LEU A 263 -2.25 -0.57 13.20
CA LEU A 263 -3.52 -0.43 12.51
C LEU A 263 -4.59 0.03 13.49
N ASN A 264 -5.53 0.84 13.02
CA ASN A 264 -6.83 0.86 13.69
C ASN A 264 -7.80 0.17 12.73
N PRO A 265 -7.94 -1.17 12.82
CA PRO A 265 -8.62 -1.91 11.76
C PRO A 265 -10.00 -1.40 11.46
N LYS A 266 -10.75 -0.98 12.48
CA LYS A 266 -12.10 -0.48 12.27
C LYS A 266 -12.14 1.00 11.90
N GLY A 267 -11.01 1.70 11.91
CA GLY A 267 -11.03 3.12 11.65
C GLY A 267 -11.65 3.98 12.74
N ASP A 268 -11.82 3.41 13.94
CA ASP A 268 -12.45 4.08 15.07
C ASP A 268 -11.46 4.64 16.07
N GLY A 269 -10.17 4.75 15.71
CA GLY A 269 -9.15 5.26 16.61
C GLY A 269 -8.62 4.28 17.65
N LYS A 270 -9.09 3.04 17.69
CA LYS A 270 -8.56 2.04 18.60
C LYS A 270 -7.44 1.28 17.89
N TRP A 271 -6.20 1.53 18.30
CA TRP A 271 -5.01 1.08 17.56
C TRP A 271 -4.41 -0.18 18.17
N CYS A 272 -3.93 -1.06 17.29
CA CYS A 272 -3.17 -2.24 17.67
C CYS A 272 -1.84 -2.27 16.94
N LYS A 273 -0.85 -2.86 17.61
CA LYS A 273 0.46 -3.14 17.07
C LYS A 273 0.50 -4.60 16.64
N PHE A 274 0.77 -4.84 15.36
CA PHE A 274 0.99 -6.18 14.82
C PHE A 274 2.51 -6.34 14.65
N ASP A 275 3.10 -7.19 15.48
CA ASP A 275 4.52 -7.52 15.47
C ASP A 275 4.59 -9.02 15.26
N ASP A 276 4.49 -9.43 14.00
CA ASP A 276 4.48 -10.84 13.62
C ASP A 276 3.42 -11.61 14.40
N ASP A 277 3.83 -12.48 15.33
CA ASP A 277 2.88 -13.33 16.03
C ASP A 277 2.22 -12.65 17.23
N VAL A 278 2.65 -11.45 17.61
CA VAL A 278 2.08 -10.75 18.77
C VAL A 278 1.24 -9.59 18.26
N VAL A 279 -0.01 -9.53 18.70
CA VAL A 279 -0.90 -8.42 18.41
C VAL A 279 -1.29 -7.81 19.75
N SER A 280 -1.12 -6.51 19.88
CA SER A 280 -1.42 -5.94 21.18
C SER A 280 -2.04 -4.57 21.03
N ARG A 281 -2.90 -4.24 21.98
CA ARG A 281 -3.46 -2.90 22.10
C ARG A 281 -2.34 -1.88 22.31
N CYS A 282 -2.47 -0.72 21.67
CA CYS A 282 -1.48 0.35 21.86
C CYS A 282 -2.16 1.71 21.80
N THR A 283 -1.49 2.71 22.37
CA THR A 283 -2.02 4.07 22.40
C THR A 283 -1.93 4.73 21.03
N LYS A 284 -2.68 5.82 20.88
CA LYS A 284 -2.61 6.57 19.64
C LYS A 284 -1.24 7.22 19.45
N GLU A 285 -0.61 7.68 20.53
CA GLU A 285 0.71 8.31 20.40
C GLU A 285 1.74 7.34 19.84
N GLU A 286 1.59 6.05 20.12
CA GLU A 286 2.59 5.06 19.76
C GLU A 286 2.45 4.58 18.33
N ALA A 287 1.24 4.64 17.77
CA ALA A 287 1.05 4.38 16.35
C ALA A 287 1.51 5.54 15.48
N ILE A 288 1.43 6.77 15.98
CA ILE A 288 1.58 7.94 15.12
C ILE A 288 2.83 8.73 15.50
N GLU A 289 2.77 9.55 16.55
CA GLU A 289 3.88 10.46 16.83
C GLU A 289 5.19 9.71 17.06
N HIS A 290 5.16 8.65 17.86
CA HIS A 290 6.36 7.87 18.13
C HIS A 290 7.00 7.32 16.87
N ASN A 291 6.29 7.32 15.75
CA ASN A 291 6.86 6.83 14.50
C ASN A 291 7.28 7.96 13.57
N TYR A 292 7.36 9.19 14.07
CA TYR A 292 7.74 10.32 13.22
C TYR A 292 9.22 10.26 12.84
N GLY A 293 10.06 9.72 13.70
CA GLY A 293 11.49 9.76 13.51
C GLY A 293 12.10 10.94 14.24
N GLY A 294 13.40 11.16 14.00
CA GLY A 294 14.04 12.37 14.47
C GLY A 294 15.03 12.25 15.61
N HIS A 295 14.85 13.10 16.63
CA HIS A 295 15.75 13.23 17.79
C HIS A 295 17.20 13.50 17.38
N HIS A 303 16.12 8.56 17.26
CA HIS A 303 16.21 7.11 17.17
C HIS A 303 16.19 6.67 15.71
N CYS A 304 15.78 5.42 15.49
CA CYS A 304 15.80 4.79 14.18
C CYS A 304 14.47 4.13 13.85
N THR A 305 13.43 4.39 14.62
CA THR A 305 12.12 3.79 14.42
C THR A 305 11.20 4.80 13.72
N ASN A 306 10.70 4.43 12.55
CA ASN A 306 9.85 5.38 11.84
C ASN A 306 9.03 4.66 10.78
N ALA A 307 8.03 5.38 10.29
CA ALA A 307 7.16 4.92 9.23
C ALA A 307 7.86 5.01 7.88
N TYR A 308 7.65 3.98 7.05
CA TYR A 308 8.03 4.03 5.66
C TYR A 308 6.83 3.91 4.73
N MET A 309 5.64 3.71 5.27
CA MET A 309 4.45 3.55 4.42
C MET A 309 3.22 3.80 5.27
N LEU A 310 2.26 4.52 4.66
CA LEU A 310 1.02 4.91 5.31
C LEU A 310 -0.15 4.51 4.44
N VAL A 311 -1.24 4.09 5.08
CA VAL A 311 -2.49 3.80 4.40
C VAL A 311 -3.56 4.73 4.94
N TYR A 312 -4.22 5.44 4.03
CA TYR A 312 -5.33 6.32 4.34
C TYR A 312 -6.59 5.84 3.61
N ILE A 313 -7.74 6.10 4.21
CA ILE A 313 -9.04 5.81 3.58
C ILE A 313 -9.84 7.09 3.49
N ARG A 314 -10.43 7.32 2.33
CA ARG A 314 -11.29 8.49 2.13
C ARG A 314 -12.48 8.40 3.06
N GLU A 315 -12.65 9.43 3.90
CA GLU A 315 -13.70 9.39 4.91
C GLU A 315 -15.06 9.01 4.29
N SER A 316 -15.38 9.56 3.13
CA SER A 316 -16.70 9.30 2.54
C SER A 316 -16.87 7.84 2.12
N LYS A 317 -15.77 7.12 1.90
CA LYS A 317 -15.81 5.71 1.56
C LYS A 317 -15.47 4.79 2.73
N LEU A 318 -15.17 5.36 3.90
CA LEU A 318 -14.54 4.59 4.97
C LEU A 318 -15.38 3.38 5.36
N SER A 319 -16.66 3.61 5.67
CA SER A 319 -17.53 2.53 6.10
C SER A 319 -17.71 1.49 5.01
N GLU A 320 -17.73 1.90 3.73
CA GLU A 320 -17.85 0.91 2.67
C GLU A 320 -16.55 0.10 2.50
N VAL A 321 -15.41 0.70 2.81
CA VAL A 321 -14.18 -0.07 2.66
C VAL A 321 -13.95 -0.95 3.89
N LEU A 322 -14.46 -0.53 5.05
CA LEU A 322 -14.30 -1.25 6.30
C LEU A 322 -15.56 -2.04 6.68
N GLN A 323 -16.39 -2.38 5.69
CA GLN A 323 -17.65 -3.06 5.95
C GLN A 323 -17.42 -4.39 6.67
N ALA A 324 -18.31 -4.71 7.60
CA ALA A 324 -18.15 -5.93 8.39
C ALA A 324 -18.05 -7.15 7.48
N VAL A 325 -17.11 -8.03 7.82
CA VAL A 325 -16.97 -9.35 7.19
C VAL A 325 -17.43 -10.41 8.19
N THR A 326 -18.31 -11.32 7.75
CA THR A 326 -18.69 -12.51 8.51
C THR A 326 -18.21 -13.76 7.78
N ASP A 327 -18.46 -14.91 8.41
CA ASP A 327 -18.10 -16.20 7.84
C ASP A 327 -19.06 -16.64 6.75
N HIS A 328 -20.28 -16.12 6.74
CA HIS A 328 -21.13 -16.33 5.58
C HIS A 328 -20.70 -15.52 4.37
N ASP A 329 -19.59 -14.78 4.46
CA ASP A 329 -18.99 -14.13 3.29
C ASP A 329 -17.99 -15.01 2.56
N ILE A 330 -17.52 -16.08 3.18
CA ILE A 330 -16.58 -17.01 2.55
C ILE A 330 -17.39 -18.14 1.92
N PRO A 331 -17.35 -18.31 0.59
CA PRO A 331 -18.14 -19.37 -0.05
C PRO A 331 -17.75 -20.73 0.49
N GLN A 332 -18.76 -21.63 0.54
CA GLN A 332 -18.54 -22.93 1.18
C GLN A 332 -17.59 -23.81 0.38
N GLN A 333 -17.51 -23.66 -0.94
CA GLN A 333 -16.54 -24.42 -1.71
C GLN A 333 -15.13 -24.18 -1.18
N LEU A 334 -14.82 -22.92 -0.88
CA LEU A 334 -13.49 -22.56 -0.42
C LEU A 334 -13.25 -23.00 1.03
N VAL A 335 -14.25 -22.81 1.90
CA VAL A 335 -14.18 -23.31 3.26
C VAL A 335 -13.91 -24.81 3.26
N GLU A 336 -14.58 -25.52 2.35
CA GLU A 336 -14.38 -26.95 2.25
C GLU A 336 -12.96 -27.28 1.80
N ARG A 337 -12.48 -26.61 0.75
CA ARG A 337 -11.13 -26.91 0.25
C ARG A 337 -10.07 -26.69 1.32
N LEU A 338 -10.16 -25.55 2.02
CA LEU A 338 -9.15 -25.24 3.03
C LEU A 338 -9.28 -26.15 4.25
N GLN A 339 -10.51 -26.51 4.65
CA GLN A 339 -10.65 -27.44 5.77
C GLN A 339 -10.14 -28.82 5.39
N GLU A 340 -10.33 -29.24 4.14
CA GLU A 340 -9.77 -30.51 3.68
C GLU A 340 -8.25 -30.47 3.66
N GLU A 341 -7.69 -29.33 3.26
CA GLU A 341 -6.24 -29.12 3.38
C GLU A 341 -5.77 -29.32 4.82
N LYS A 342 -6.48 -28.71 5.76
CA LYS A 342 -6.14 -28.90 7.17
C LYS A 342 -6.24 -30.38 7.54
N ARG A 343 -7.34 -31.03 7.15
CA ARG A 343 -7.56 -32.43 7.51
C ARG A 343 -6.47 -33.34 6.94
N ILE A 344 -5.91 -33.00 5.77
CA ILE A 344 -4.79 -33.79 5.27
C ILE A 344 -3.53 -33.46 6.04
N GLU A 345 -3.38 -32.19 6.43
CA GLU A 345 -2.23 -31.81 7.25
C GLU A 345 -2.24 -32.54 8.59
N ALA A 346 -3.43 -32.91 9.09
CA ALA A 346 -3.56 -33.53 10.40
C ALA A 346 -3.35 -35.04 10.39
N GLN A 347 -3.30 -35.67 9.22
CA GLN A 347 -3.14 -37.14 9.15
C GLN A 347 -1.66 -37.52 9.03
C13 DVU B . 11.11 3.46 -4.93
C15 DVU B . 10.61 4.95 -7.12
C17 DVU B . 11.35 6.13 -4.86
C20 DVU B . 10.46 0.04 1.52
C21 DVU B . 11.91 0.08 1.50
C22 DVU B . 12.54 0.29 2.89
C24 DVU B . 10.65 -0.86 3.88
C28 DVU B . 14.04 -0.31 5.14
C01 DVU B . 11.24 3.81 -1.71
C02 DVU B . 11.87 3.97 -0.53
C03 DVU B . 11.40 3.21 0.70
C05 DVU B . 9.61 2.14 -0.70
C07 DVU B . 11.87 4.64 -2.64
C11 DVU B . 13.82 6.27 -2.55
C12 DVU B . 11.44 4.74 -4.16
C14 DVU B . 10.68 3.57 -6.42
C16 DVU B . 10.93 6.23 -6.35
C18 DVU B . 10.18 5.05 -8.60
C19 DVU B . 9.83 1.46 1.76
C25 DVU B . 9.99 -0.96 2.48
C27 DVU B . 12.44 -0.34 5.04
C29 DVU B . 14.80 1.01 5.09
C30 DVU B . 16.35 1.03 5.14
C31 DVU B . 17.11 -0.29 5.25
C32 DVU B . 16.37 -1.63 5.29
C33 DVU B . 14.81 -1.63 5.23
C34 DVU B . 18.63 -0.19 5.25
C36 DVU B . 19.32 0.97 5.19
C37 DVU B . 20.66 0.65 5.15
C38 DVU B . 20.77 -0.72 5.15
C41 DVU B . 7.80 5.28 -9.57
N04 DVU B . 10.27 2.30 0.58
N06 DVU B . 10.07 2.87 -1.85
N08 DVU B . 12.89 5.30 -1.99
N09 DVU B . 12.88 4.89 -0.68
N23 DVU B . 12.09 -0.66 3.91
N40 DVU B . 8.77 4.63 -8.66
O10 DVU B . 11.98 3.38 1.73
O26 DVU B . 10.04 -0.44 0.20
O39 DVU B . 19.52 -1.24 5.20
O42 DVU B . 8.14 6.18 -10.28
CL1 DVU B . 13.99 2.58 4.98
#